data_9F8K
#
_entry.id   9F8K
#
_cell.length_a   71.363
_cell.length_b   79.303
_cell.length_c   64.064
_cell.angle_alpha   90.00
_cell.angle_beta   98.41
_cell.angle_gamma   90.00
#
_symmetry.space_group_name_H-M   'C 1 2 1'
#
loop_
_entity.id
_entity.type
_entity.pdbx_description
1 polymer 'Phenazine biosynthesis protein A/B'
2 non-polymer GLYCEROL
3 non-polymer 'ACETATE ION'
4 non-polymer [2-(4-hydroxyphenyl)-6-oxidanyl-1-benzothiophen-3-yl]-(3-propan-2-ylphenyl)methanone
5 water water
#
_entity_poly.entity_id   1
_entity_poly.type   'polypeptide(L)'
_entity_poly.pdbx_seq_one_letter_code
;MGSSHHHHHHSSGLVPRGSHMSDVESLENTSENRAQVAARQHNRKIVEQYMHTRGEARLKRHLLFTEDGVGGLWTTDSGQ
PIAIRGREKLGEHAVWSLQCFPDWVWTDIQIFETQDPNWFWVECRGEGAIVFPGYPRGQYRNHFLHSFRFENGLIKEQRE
FMNPCEQFRSLGIEVPEVRRDGLPS
;
_entity_poly.pdbx_strand_id   A,B
#
loop_
_chem_comp.id
_chem_comp.type
_chem_comp.name
_chem_comp.formula
A1IAH non-polymer [2-(4-hydroxyphenyl)-6-oxidanyl-1-benzothiophen-3-yl]-(3-propan-2-ylphenyl)methanone 'C24 H20 O3 S'
ACT non-polymer 'ACETATE ION' 'C2 H3 O2 -1'
GOL non-polymer GLYCEROL 'C3 H8 O3'
#
# COMPACT_ATOMS: atom_id res chain seq x y z
N GLU A 32 24.80 -16.04 -12.30
CA GLU A 32 24.08 -14.88 -11.73
C GLU A 32 22.57 -15.10 -11.96
N ASN A 33 22.18 -15.44 -13.18
CA ASN A 33 20.76 -15.69 -13.50
C ASN A 33 20.27 -16.93 -12.73
N ARG A 34 21.07 -17.99 -12.66
CA ARG A 34 20.66 -19.24 -11.99
C ARG A 34 20.53 -18.99 -10.48
N ALA A 35 21.39 -18.14 -9.91
CA ALA A 35 21.29 -17.83 -8.49
C ALA A 35 20.05 -17.01 -8.18
N GLN A 36 19.69 -16.08 -9.06
CA GLN A 36 18.50 -15.28 -8.84
C GLN A 36 17.24 -16.12 -8.93
N VAL A 37 17.19 -17.02 -9.92
CA VAL A 37 16.03 -17.90 -10.05
C VAL A 37 15.88 -18.79 -8.83
N ALA A 38 17.01 -19.34 -8.35
CA ALA A 38 16.96 -20.20 -7.17
C ALA A 38 16.40 -19.44 -5.97
N ALA A 39 16.87 -18.22 -5.76
CA ALA A 39 16.43 -17.43 -4.61
C ALA A 39 14.93 -17.13 -4.71
N ARG A 40 14.49 -16.65 -5.87
CA ARG A 40 13.09 -16.29 -6.02
C ARG A 40 12.17 -17.47 -5.78
N GLN A 41 12.54 -18.66 -6.29
CA GLN A 41 11.68 -19.81 -6.13
C GLN A 41 11.52 -20.17 -4.65
N HIS A 42 12.62 -20.16 -3.91
CA HIS A 42 12.52 -20.47 -2.49
C HIS A 42 11.77 -19.37 -1.73
N ASN A 43 12.12 -18.12 -2.02
CA ASN A 43 11.49 -17.01 -1.29
C ASN A 43 9.99 -17.01 -1.50
N ARG A 44 9.54 -17.33 -2.71
CA ARG A 44 8.11 -17.38 -2.96
C ARG A 44 7.43 -18.37 -2.04
N LYS A 45 8.06 -19.53 -1.79
CA LYS A 45 7.48 -20.51 -0.89
C LYS A 45 7.32 -19.95 0.51
N ILE A 46 8.30 -19.16 0.97
CA ILE A 46 8.20 -18.54 2.29
C ILE A 46 7.05 -17.55 2.32
N VAL A 47 6.91 -16.73 1.28
CA VAL A 47 5.80 -15.78 1.23
C VAL A 47 4.47 -16.52 1.29
N GLU A 48 4.33 -17.57 0.48
CA GLU A 48 3.12 -18.37 0.53
C GLU A 48 2.88 -18.90 1.94
N GLN A 49 3.93 -19.46 2.55
CA GLN A 49 3.73 -20.01 3.88
C GLN A 49 3.31 -18.92 4.87
N TYR A 50 3.95 -17.76 4.80
CA TYR A 50 3.58 -16.67 5.68
C TYR A 50 2.11 -16.30 5.51
N MET A 51 1.69 -16.12 4.27
CA MET A 51 0.33 -15.65 4.03
C MET A 51 -0.71 -16.68 4.43
N HIS A 52 -0.33 -17.95 4.49
CA HIS A 52 -1.26 -18.98 4.89
C HIS A 52 -1.09 -19.41 6.33
N THR A 53 -0.28 -18.70 7.10
CA THR A 53 -0.10 -19.02 8.52
C THR A 53 -1.28 -18.51 9.31
N ARG A 54 -1.96 -19.42 10.01
CA ARG A 54 -3.15 -19.13 10.78
CA ARG A 54 -3.12 -19.08 10.80
C ARG A 54 -3.08 -19.82 12.12
N GLY A 55 -3.93 -19.37 13.04
CA GLY A 55 -4.09 -20.06 14.31
C GLY A 55 -2.80 -20.16 15.09
N GLU A 56 -2.62 -21.29 15.78
CA GLU A 56 -1.47 -21.41 16.67
C GLU A 56 -0.15 -21.36 15.91
N ALA A 57 -0.16 -21.70 14.61
CA ALA A 57 1.04 -21.60 13.82
C ALA A 57 1.57 -20.16 13.75
N ARG A 58 0.71 -19.17 14.02
CA ARG A 58 1.18 -17.80 14.05
C ARG A 58 2.23 -17.59 15.14
N LEU A 59 2.25 -18.44 16.15
CA LEU A 59 3.25 -18.31 17.21
C LEU A 59 4.64 -18.63 16.73
N LYS A 60 4.78 -19.31 15.59
CA LYS A 60 6.09 -19.66 15.06
C LYS A 60 6.39 -18.95 13.74
N ARG A 61 5.55 -17.99 13.35
CA ARG A 61 5.77 -17.32 12.07
C ARG A 61 7.07 -16.54 12.08
N HIS A 62 7.54 -16.13 13.25
CA HIS A 62 8.79 -15.41 13.33
C HIS A 62 9.98 -16.24 12.87
N LEU A 63 9.84 -17.57 12.83
CA LEU A 63 10.94 -18.40 12.36
C LEU A 63 11.14 -18.28 10.85
N LEU A 64 10.24 -17.61 10.14
CA LEU A 64 10.45 -17.30 8.74
C LEU A 64 11.31 -16.07 8.54
N PHE A 65 11.76 -15.45 9.64
CA PHE A 65 12.56 -14.24 9.58
C PHE A 65 14.02 -14.53 9.90
N THR A 66 14.90 -13.66 9.41
CA THR A 66 16.27 -13.65 9.91
C THR A 66 16.26 -13.30 11.38
N GLU A 67 17.38 -13.61 12.06
CA GLU A 67 17.46 -13.32 13.48
C GLU A 67 17.21 -11.84 13.76
N ASP A 68 17.70 -10.97 12.86
CA ASP A 68 17.56 -9.53 12.98
C ASP A 68 16.42 -8.98 12.12
N GLY A 69 15.51 -9.85 11.69
CA GLY A 69 14.47 -9.43 10.80
C GLY A 69 13.49 -8.48 11.46
N VAL A 70 12.84 -7.68 10.62
CA VAL A 70 11.92 -6.65 11.05
C VAL A 70 10.57 -6.93 10.41
N GLY A 71 9.51 -6.79 11.21
CA GLY A 71 8.16 -6.87 10.69
C GLY A 71 7.34 -5.75 11.28
N GLY A 72 6.15 -5.58 10.74
CA GLY A 72 5.16 -4.77 11.42
C GLY A 72 4.31 -3.97 10.46
N LEU A 73 3.66 -2.97 11.04
CA LEU A 73 2.60 -2.22 10.38
C LEU A 73 3.13 -0.85 10.02
N TRP A 74 3.11 -0.53 8.74
CA TRP A 74 3.69 0.71 8.24
C TRP A 74 2.67 1.83 8.07
N THR A 75 1.39 1.54 8.26
CA THR A 75 0.32 2.52 8.08
C THR A 75 -0.44 2.59 9.40
N THR A 76 -0.11 3.57 10.22
CA THR A 76 -0.68 3.73 11.55
C THR A 76 -1.31 5.11 11.65
N ASP A 77 -2.15 5.30 12.67
CA ASP A 77 -2.78 6.61 12.81
C ASP A 77 -1.74 7.66 13.18
N SER A 78 -0.65 7.27 13.83
CA SER A 78 0.39 8.23 14.20
C SER A 78 1.27 8.61 13.03
N GLY A 79 1.24 7.84 11.95
CA GLY A 79 2.13 8.04 10.83
C GLY A 79 3.47 7.35 10.98
N GLN A 80 3.79 6.86 12.16
CA GLN A 80 5.04 6.13 12.36
C GLN A 80 4.80 4.64 12.36
N PRO A 81 5.63 3.86 11.67
CA PRO A 81 5.43 2.40 11.69
C PRO A 81 5.53 1.82 13.09
N ILE A 82 4.77 0.75 13.31
CA ILE A 82 4.98 -0.14 14.44
C ILE A 82 5.94 -1.21 13.92
N ALA A 83 7.23 -0.98 14.15
CA ALA A 83 8.29 -1.83 13.63
C ALA A 83 8.73 -2.77 14.76
N ILE A 84 8.67 -4.08 14.48
CA ILE A 84 9.00 -5.11 15.44
C ILE A 84 10.35 -5.67 15.01
N ARG A 85 11.37 -5.52 15.85
N ARG A 85 11.36 -5.49 15.84
CA ARG A 85 12.75 -5.70 15.42
CA ARG A 85 12.75 -5.70 15.43
C ARG A 85 13.37 -6.93 16.09
C ARG A 85 13.33 -6.95 16.10
N GLY A 86 13.66 -7.94 15.29
CA GLY A 86 14.32 -9.13 15.77
C GLY A 86 13.36 -10.28 15.99
N ARG A 87 13.88 -11.49 15.80
CA ARG A 87 13.05 -12.68 15.95
C ARG A 87 12.39 -12.75 17.31
N GLU A 88 13.12 -12.44 18.37
CA GLU A 88 12.58 -12.54 19.71
C GLU A 88 11.37 -11.64 19.88
N LYS A 89 11.50 -10.37 19.47
CA LYS A 89 10.38 -9.45 19.59
C LYS A 89 9.24 -9.82 18.64
N LEU A 90 9.56 -10.39 17.48
CA LEU A 90 8.51 -10.87 16.59
C LEU A 90 7.73 -12.01 17.23
N GLY A 91 8.42 -12.94 17.86
CA GLY A 91 7.73 -14.01 18.57
C GLY A 91 6.86 -13.49 19.69
N GLU A 92 7.34 -12.49 20.42
CA GLU A 92 6.53 -11.88 21.47
C GLU A 92 5.35 -11.15 20.86
N HIS A 93 5.56 -10.47 19.74
CA HIS A 93 4.44 -9.81 19.10
C HIS A 93 3.36 -10.79 18.71
N ALA A 94 3.74 -12.01 18.33
CA ALA A 94 2.78 -12.99 17.85
C ALA A 94 1.78 -13.37 18.95
N VAL A 95 2.22 -13.40 20.20
CA VAL A 95 1.31 -13.69 21.31
C VAL A 95 0.23 -12.63 21.38
N TRP A 96 0.64 -11.36 21.29
CA TRP A 96 -0.31 -10.25 21.28
C TRP A 96 -1.20 -10.31 20.04
N SER A 97 -0.62 -10.61 18.87
CA SER A 97 -1.39 -10.66 17.65
C SER A 97 -2.49 -11.72 17.72
N LEU A 98 -2.14 -12.91 18.22
CA LEU A 98 -3.14 -13.97 18.36
C LEU A 98 -4.16 -13.62 19.42
N GLN A 99 -3.79 -12.84 20.43
CA GLN A 99 -4.77 -12.39 21.42
C GLN A 99 -5.77 -11.42 20.79
N CYS A 100 -5.27 -10.44 20.03
CA CYS A 100 -6.10 -9.34 19.59
C CYS A 100 -6.76 -9.57 18.24
N PHE A 101 -6.26 -10.52 17.46
CA PHE A 101 -6.85 -10.88 16.18
C PHE A 101 -6.94 -12.41 16.18
N PRO A 102 -7.85 -12.95 16.99
CA PRO A 102 -7.77 -14.38 17.34
C PRO A 102 -8.04 -15.33 16.19
N ASP A 103 -8.76 -14.91 15.15
CA ASP A 103 -9.15 -15.81 14.08
C ASP A 103 -8.76 -15.25 12.72
N TRP A 104 -7.73 -14.41 12.71
CA TRP A 104 -7.37 -13.66 11.51
C TRP A 104 -7.04 -14.58 10.35
N VAL A 105 -7.55 -14.22 9.17
CA VAL A 105 -7.19 -14.91 7.94
C VAL A 105 -6.89 -13.87 6.86
N TRP A 106 -5.90 -14.19 6.03
CA TRP A 106 -5.62 -13.46 4.80
C TRP A 106 -6.36 -14.17 3.67
N THR A 107 -7.05 -13.40 2.86
CA THR A 107 -7.90 -13.90 1.77
C THR A 107 -7.49 -13.20 0.48
N ASP A 108 -7.91 -13.76 -0.65
CA ASP A 108 -7.72 -13.12 -1.96
C ASP A 108 -6.25 -12.74 -2.16
N ILE A 109 -5.38 -13.69 -1.86
CA ILE A 109 -3.94 -13.46 -1.84
C ILE A 109 -3.41 -13.46 -3.27
N GLN A 110 -2.74 -12.38 -3.64
CA GLN A 110 -2.06 -12.28 -4.93
C GLN A 110 -0.59 -11.99 -4.65
N ILE A 111 0.28 -12.91 -5.01
CA ILE A 111 1.71 -12.76 -4.77
C ILE A 111 2.38 -12.23 -6.02
N PHE A 112 3.16 -11.17 -5.86
CA PHE A 112 3.92 -10.57 -6.95
C PHE A 112 5.40 -10.80 -6.71
N GLU A 113 6.00 -11.62 -7.56
CA GLU A 113 7.45 -11.63 -7.71
C GLU A 113 7.88 -10.30 -8.34
N THR A 114 9.14 -9.95 -8.17
CA THR A 114 9.67 -8.76 -8.82
C THR A 114 10.98 -9.10 -9.49
N GLN A 115 11.58 -8.09 -10.12
CA GLN A 115 12.89 -8.28 -10.73
C GLN A 115 13.96 -8.55 -9.68
N ASP A 116 13.69 -8.18 -8.43
CA ASP A 116 14.60 -8.47 -7.33
C ASP A 116 14.17 -9.82 -6.76
N PRO A 117 14.96 -10.88 -6.91
CA PRO A 117 14.52 -12.20 -6.41
C PRO A 117 14.29 -12.22 -4.92
N ASN A 118 14.77 -11.22 -4.20
CA ASN A 118 14.61 -11.12 -2.76
C ASN A 118 13.57 -10.09 -2.35
N TRP A 119 12.73 -9.63 -3.28
CA TRP A 119 11.68 -8.68 -2.94
C TRP A 119 10.37 -9.14 -3.56
N PHE A 120 9.36 -9.32 -2.71
CA PHE A 120 8.02 -9.70 -3.12
C PHE A 120 7.03 -8.68 -2.59
N TRP A 121 5.93 -8.53 -3.31
CA TRP A 121 4.77 -7.80 -2.81
C TRP A 121 3.58 -8.73 -2.82
N VAL A 122 2.68 -8.52 -1.88
CA VAL A 122 1.45 -9.28 -1.80
C VAL A 122 0.30 -8.31 -1.65
N GLU A 123 -0.72 -8.46 -2.50
CA GLU A 123 -1.98 -7.77 -2.33
C GLU A 123 -2.99 -8.77 -1.80
N CYS A 124 -3.73 -8.41 -0.76
CA CYS A 124 -4.69 -9.35 -0.22
C CYS A 124 -5.71 -8.60 0.61
N ARG A 125 -6.71 -9.34 1.06
CA ARG A 125 -7.62 -8.86 2.07
C ARG A 125 -7.28 -9.57 3.38
N GLY A 126 -7.74 -9.00 4.47
CA GLY A 126 -7.62 -9.66 5.76
C GLY A 126 -8.87 -9.38 6.54
N GLU A 127 -9.29 -10.38 7.31
CA GLU A 127 -10.42 -10.13 8.16
C GLU A 127 -10.45 -11.06 9.35
N GLY A 128 -11.10 -10.59 10.38
CA GLY A 128 -11.30 -11.37 11.59
C GLY A 128 -11.73 -10.46 12.70
N ALA A 129 -11.96 -11.07 13.85
CA ALA A 129 -12.33 -10.32 15.03
C ALA A 129 -11.15 -9.43 15.43
N ILE A 130 -11.45 -8.24 15.93
CA ILE A 130 -10.45 -7.38 16.56
C ILE A 130 -10.84 -7.23 18.03
N VAL A 131 -9.88 -7.54 18.91
CA VAL A 131 -10.09 -7.65 20.34
C VAL A 131 -9.02 -6.80 21.01
N PHE A 132 -9.29 -5.49 21.11
CA PHE A 132 -8.40 -4.53 21.74
C PHE A 132 -8.97 -4.17 23.10
N PRO A 133 -8.24 -4.34 24.20
CA PRO A 133 -8.80 -3.97 25.51
C PRO A 133 -9.24 -2.52 25.53
N GLY A 134 -10.47 -2.31 26.02
CA GLY A 134 -11.05 -0.99 26.10
C GLY A 134 -12.08 -0.71 25.02
N TYR A 135 -12.10 -1.52 23.97
CA TYR A 135 -13.04 -1.37 22.87
C TYR A 135 -13.96 -2.59 22.84
N PRO A 136 -15.19 -2.44 22.32
CA PRO A 136 -16.00 -3.63 22.09
C PRO A 136 -15.34 -4.51 21.05
N ARG A 137 -15.58 -5.81 21.17
CA ARG A 137 -15.15 -6.74 20.14
C ARG A 137 -15.74 -6.31 18.81
N GLY A 138 -14.90 -6.27 17.78
CA GLY A 138 -15.30 -5.80 16.48
C GLY A 138 -14.99 -6.83 15.41
N GLN A 139 -15.55 -6.59 14.23
CA GLN A 139 -15.25 -7.34 13.03
C GLN A 139 -14.43 -6.43 12.13
N TYR A 140 -13.18 -6.80 11.91
CA TYR A 140 -12.21 -5.98 11.21
C TYR A 140 -11.94 -6.59 9.84
N ARG A 141 -12.12 -5.79 8.80
CA ARG A 141 -11.79 -6.19 7.44
C ARG A 141 -10.96 -5.06 6.83
N ASN A 142 -9.91 -5.43 6.13
CA ASN A 142 -9.10 -4.40 5.51
C ASN A 142 -8.47 -4.96 4.25
N HIS A 143 -8.00 -4.04 3.42
N HIS A 143 -7.89 -4.04 3.48
CA HIS A 143 -7.22 -4.35 2.24
CA HIS A 143 -7.23 -4.28 2.20
C HIS A 143 -5.76 -4.11 2.59
C HIS A 143 -5.73 -4.01 2.41
N PHE A 144 -4.91 -5.02 2.19
CA PHE A 144 -3.51 -4.99 2.58
C PHE A 144 -2.57 -5.09 1.39
N LEU A 145 -1.47 -4.37 1.47
CA LEU A 145 -0.28 -4.65 0.68
C LEU A 145 0.82 -5.05 1.65
N HIS A 146 1.50 -6.15 1.34
CA HIS A 146 2.62 -6.61 2.12
C HIS A 146 3.88 -6.54 1.28
N SER A 147 4.96 -6.05 1.88
CA SER A 147 6.29 -6.05 1.29
C SER A 147 7.12 -7.08 2.03
N PHE A 148 7.77 -7.98 1.28
CA PHE A 148 8.66 -8.98 1.84
C PHE A 148 10.03 -8.84 1.19
N ARG A 149 11.03 -8.51 1.99
CA ARG A 149 12.42 -8.50 1.54
C ARG A 149 13.18 -9.61 2.24
N PHE A 150 13.96 -10.35 1.46
CA PHE A 150 14.62 -11.56 1.90
C PHE A 150 16.13 -11.37 1.98
N GLU A 151 16.74 -12.11 2.91
CA GLU A 151 18.19 -12.23 3.01
C GLU A 151 18.50 -13.68 3.31
N ASN A 152 19.28 -14.31 2.43
CA ASN A 152 19.74 -15.69 2.63
C ASN A 152 18.58 -16.61 3.01
N GLY A 153 17.49 -16.50 2.26
CA GLY A 153 16.41 -17.45 2.35
C GLY A 153 15.36 -17.20 3.41
N LEU A 154 15.47 -16.10 4.17
CA LEU A 154 14.49 -15.78 5.18
C LEU A 154 14.12 -14.30 5.06
N ILE A 155 13.04 -13.94 5.75
CA ILE A 155 12.51 -12.58 5.64
C ILE A 155 13.38 -11.65 6.48
N LYS A 156 13.97 -10.66 5.82
CA LYS A 156 14.70 -9.60 6.49
C LYS A 156 13.80 -8.44 6.90
N GLU A 157 12.78 -8.16 6.09
CA GLU A 157 11.88 -7.05 6.37
C GLU A 157 10.51 -7.37 5.79
N GLN A 158 9.51 -7.42 6.66
CA GLN A 158 8.11 -7.52 6.30
C GLN A 158 7.43 -6.22 6.70
N ARG A 159 6.63 -5.66 5.80
CA ARG A 159 5.90 -4.43 6.07
C ARG A 159 4.47 -4.61 5.59
N GLU A 160 3.53 -4.22 6.44
CA GLU A 160 2.10 -4.25 6.17
C GLU A 160 1.60 -2.85 5.90
N PHE A 161 0.84 -2.69 4.82
CA PHE A 161 0.23 -1.41 4.47
C PHE A 161 -1.28 -1.62 4.35
N MET A 162 -2.05 -0.88 5.13
CA MET A 162 -3.50 -0.96 5.03
C MET A 162 -4.08 0.43 5.18
N ASN A 163 -5.42 0.49 5.25
CA ASN A 163 -6.11 1.75 5.45
C ASN A 163 -6.50 1.84 6.92
N PRO A 164 -5.82 2.67 7.73
CA PRO A 164 -6.16 2.72 9.16
C PRO A 164 -7.61 3.07 9.44
N CYS A 165 -8.30 3.73 8.49
CA CYS A 165 -9.68 4.10 8.72
C CYS A 165 -10.57 2.88 8.91
N GLU A 166 -10.26 1.78 8.22
CA GLU A 166 -11.07 0.57 8.40
C GLU A 166 -10.85 -0.05 9.77
N GLN A 167 -9.66 0.13 10.35
CA GLN A 167 -9.46 -0.30 11.71
C GLN A 167 -10.19 0.60 12.69
N PHE A 168 -10.17 1.92 12.47
CA PHE A 168 -11.01 2.80 13.28
C PHE A 168 -12.43 2.29 13.30
N ARG A 169 -12.99 2.01 12.11
CA ARG A 169 -14.37 1.55 12.01
C ARG A 169 -14.61 0.31 12.85
N SER A 170 -13.69 -0.65 12.77
CA SER A 170 -13.88 -1.92 13.46
C SER A 170 -13.91 -1.74 14.97
N LEU A 171 -13.28 -0.68 15.48
CA LEU A 171 -13.20 -0.41 16.90
C LEU A 171 -14.25 0.58 17.36
N GLY A 172 -15.14 1.01 16.47
CA GLY A 172 -16.15 2.00 16.81
C GLY A 172 -15.61 3.40 16.97
N ILE A 173 -14.41 3.67 16.44
CA ILE A 173 -13.80 4.98 16.50
C ILE A 173 -14.33 5.80 15.32
N GLU A 174 -14.78 7.02 15.61
CA GLU A 174 -15.27 7.87 14.52
C GLU A 174 -14.16 8.12 13.51
N VAL A 175 -14.47 7.91 12.24
CA VAL A 175 -13.50 8.08 11.18
C VAL A 175 -13.48 9.53 10.73
N PRO A 176 -12.31 10.16 10.67
CA PRO A 176 -12.24 11.51 10.08
C PRO A 176 -12.85 11.50 8.68
N GLU A 177 -13.48 12.60 8.31
CA GLU A 177 -14.05 12.74 6.99
C GLU A 177 -13.44 13.97 6.32
N VAL A 178 -13.03 13.81 5.07
CA VAL A 178 -12.66 14.93 4.22
C VAL A 178 -13.94 15.42 3.57
N ARG A 179 -14.32 16.66 3.84
CA ARG A 179 -15.53 17.21 3.22
C ARG A 179 -15.34 17.30 1.72
N ARG A 180 -16.31 16.80 0.96
CA ARG A 180 -16.15 16.68 -0.48
C ARG A 180 -16.93 17.72 -1.26
N ASP A 181 -17.60 18.64 -0.59
CA ASP A 181 -18.46 19.59 -1.30
C ASP A 181 -17.70 20.34 -2.36
N GLY A 182 -16.48 20.76 -2.08
CA GLY A 182 -15.72 21.55 -3.00
C GLY A 182 -15.02 20.79 -4.08
N LEU A 183 -15.16 19.47 -4.05
CA LEU A 183 -14.40 18.58 -4.93
C LEU A 183 -15.26 18.13 -6.09
N PRO A 184 -14.69 18.10 -7.30
CA PRO A 184 -15.46 17.61 -8.45
C PRO A 184 -15.94 16.19 -8.23
N SER A 185 -17.18 15.94 -8.62
CA SER A 185 -17.75 14.61 -8.52
C SER A 185 -18.60 14.30 -9.75
N ASN B 33 6.62 -15.74 -25.22
CA ASN B 33 7.57 -15.17 -24.28
C ASN B 33 8.14 -13.86 -24.80
N ARG B 34 8.31 -13.76 -26.11
CA ARG B 34 8.85 -12.54 -26.70
C ARG B 34 7.91 -11.37 -26.49
N ALA B 35 6.61 -11.59 -26.70
CA ALA B 35 5.64 -10.55 -26.38
C ALA B 35 5.78 -10.09 -24.94
N GLN B 36 6.19 -10.99 -24.05
CA GLN B 36 6.15 -10.70 -22.62
C GLN B 36 7.28 -9.80 -22.18
N VAL B 37 8.52 -10.15 -22.51
CA VAL B 37 9.65 -9.29 -22.18
C VAL B 37 9.48 -7.93 -22.81
N ALA B 38 8.92 -7.89 -24.02
CA ALA B 38 8.73 -6.62 -24.71
C ALA B 38 7.63 -5.79 -24.07
N ALA B 39 6.50 -6.43 -23.76
CA ALA B 39 5.44 -5.74 -23.04
C ALA B 39 5.95 -5.17 -21.73
N ARG B 40 6.73 -5.96 -20.99
CA ARG B 40 7.22 -5.51 -19.70
C ARG B 40 8.14 -4.30 -19.84
N GLN B 41 9.08 -4.34 -20.79
CA GLN B 41 9.99 -3.20 -20.94
C GLN B 41 9.25 -1.96 -21.42
N HIS B 42 8.28 -2.14 -22.31
CA HIS B 42 7.44 -1.03 -22.75
C HIS B 42 6.70 -0.43 -21.57
N ASN B 43 6.00 -1.29 -20.82
CA ASN B 43 5.20 -0.79 -19.70
C ASN B 43 6.06 -0.13 -18.65
N ARG B 44 7.26 -0.66 -18.41
CA ARG B 44 8.16 -0.02 -17.46
C ARG B 44 8.44 1.42 -17.85
N LYS B 45 8.67 1.66 -19.15
CA LYS B 45 8.90 3.02 -19.61
C LYS B 45 7.68 3.89 -19.36
N ILE B 46 6.47 3.35 -19.49
CA ILE B 46 5.27 4.11 -19.18
C ILE B 46 5.22 4.45 -17.70
N VAL B 47 5.54 3.48 -16.84
CA VAL B 47 5.54 3.75 -15.41
C VAL B 47 6.53 4.87 -15.09
N GLU B 48 7.73 4.79 -15.67
CA GLU B 48 8.72 5.83 -15.46
C GLU B 48 8.17 7.18 -15.90
N GLN B 49 7.56 7.23 -17.10
N GLN B 49 7.56 7.24 -17.09
CA GLN B 49 6.98 8.47 -17.59
CA GLN B 49 7.03 8.53 -17.53
C GLN B 49 5.94 9.02 -16.62
C GLN B 49 5.95 9.03 -16.58
N TYR B 50 5.04 8.15 -16.17
CA TYR B 50 3.98 8.56 -15.27
C TYR B 50 4.56 9.16 -13.99
N MET B 51 5.50 8.43 -13.36
CA MET B 51 6.02 8.84 -12.06
C MET B 51 6.84 10.11 -12.14
N HIS B 52 7.38 10.44 -13.30
CA HIS B 52 8.13 11.67 -13.46
C HIS B 52 7.33 12.78 -14.12
N THR B 53 6.02 12.58 -14.29
CA THR B 53 5.17 13.63 -14.85
C THR B 53 4.90 14.68 -13.79
N ARG B 54 5.35 15.90 -14.05
CA ARG B 54 5.28 17.01 -13.12
C ARG B 54 4.81 18.26 -13.85
N GLY B 55 4.29 19.20 -13.07
CA GLY B 55 3.97 20.50 -13.64
C GLY B 55 2.92 20.40 -14.72
N GLU B 56 3.06 21.27 -15.73
CA GLU B 56 2.04 21.35 -16.76
C GLU B 56 1.89 20.04 -17.52
N ALA B 57 2.95 19.21 -17.55
CA ALA B 57 2.85 17.91 -18.20
C ALA B 57 1.76 17.05 -17.57
N ARG B 58 1.39 17.32 -16.32
CA ARG B 58 0.32 16.56 -15.69
C ARG B 58 -0.99 16.70 -16.45
N LEU B 59 -1.15 17.77 -17.21
CA LEU B 59 -2.37 17.92 -17.99
C LEU B 59 -2.47 16.90 -19.11
N LYS B 60 -1.38 16.19 -19.43
CA LYS B 60 -1.43 15.18 -20.49
C LYS B 60 -1.12 13.77 -19.99
N ARG B 61 -1.02 13.59 -18.67
CA ARG B 61 -0.71 12.26 -18.14
C ARG B 61 -1.80 11.26 -18.49
N HIS B 62 -3.04 11.73 -18.63
CA HIS B 62 -4.14 10.84 -18.96
C HIS B 62 -3.96 10.17 -20.31
N LEU B 63 -3.14 10.75 -21.19
CA LEU B 63 -2.92 10.14 -22.49
C LEU B 63 -2.15 8.82 -22.36
N LEU B 64 -1.61 8.52 -21.19
CA LEU B 64 -0.97 7.24 -20.96
C LEU B 64 -1.97 6.11 -20.69
N PHE B 65 -3.26 6.42 -20.63
CA PHE B 65 -4.29 5.45 -20.27
C PHE B 65 -5.03 4.96 -21.51
N THR B 66 -5.60 3.78 -21.40
CA THR B 66 -6.58 3.32 -22.38
C THR B 66 -7.80 4.23 -22.34
N GLU B 67 -8.58 4.20 -23.43
CA GLU B 67 -9.75 5.06 -23.51
C GLU B 67 -10.67 4.86 -22.31
N ASP B 68 -10.78 3.63 -21.84
CA ASP B 68 -11.64 3.29 -20.71
C ASP B 68 -10.83 3.08 -19.43
N GLY B 69 -9.62 3.62 -19.37
CA GLY B 69 -8.77 3.41 -18.22
C GLY B 69 -9.32 4.07 -16.98
N VAL B 70 -8.88 3.53 -15.84
CA VAL B 70 -9.31 3.96 -14.53
C VAL B 70 -8.07 4.36 -13.73
N GLY B 71 -8.18 5.48 -13.03
CA GLY B 71 -7.15 5.87 -12.09
C GLY B 71 -7.83 6.37 -10.83
N GLY B 72 -7.20 6.12 -9.71
CA GLY B 72 -7.84 6.61 -8.51
C GLY B 72 -7.09 6.28 -7.25
N LEU B 73 -7.71 6.69 -6.17
CA LEU B 73 -7.18 6.59 -4.83
C LEU B 73 -7.93 5.49 -4.11
N TRP B 74 -7.20 4.46 -3.67
CA TRP B 74 -7.82 3.28 -3.10
C TRP B 74 -7.89 3.30 -1.58
N THR B 75 -7.28 4.29 -0.94
CA THR B 75 -7.21 4.39 0.52
C THR B 75 -7.80 5.73 0.90
N THR B 76 -9.05 5.73 1.34
CA THR B 76 -9.75 6.96 1.65
C THR B 76 -10.50 6.79 2.96
N ASP B 77 -11.09 7.88 3.44
CA ASP B 77 -11.80 7.80 4.72
C ASP B 77 -13.05 6.93 4.63
N SER B 78 -13.60 6.74 3.43
CA SER B 78 -14.81 5.94 3.32
C SER B 78 -14.54 4.44 3.32
N GLY B 79 -13.31 4.02 3.06
CA GLY B 79 -13.01 2.62 2.87
C GLY B 79 -13.25 2.13 1.46
N GLN B 80 -13.82 2.97 0.59
CA GLN B 80 -14.04 2.65 -0.81
C GLN B 80 -13.10 3.47 -1.68
N PRO B 81 -12.70 2.96 -2.84
CA PRO B 81 -11.88 3.76 -3.74
C PRO B 81 -12.65 4.97 -4.24
N ILE B 82 -11.91 6.02 -4.52
CA ILE B 82 -12.39 7.17 -5.28
C ILE B 82 -11.67 7.09 -6.61
N ALA B 83 -12.38 6.66 -7.65
CA ALA B 83 -11.80 6.34 -8.93
C ALA B 83 -12.40 7.23 -10.00
N ILE B 84 -11.60 7.54 -11.01
CA ILE B 84 -12.02 8.29 -12.18
C ILE B 84 -11.97 7.32 -13.35
N ARG B 85 -13.08 7.14 -14.05
CA ARG B 85 -13.15 6.16 -15.13
C ARG B 85 -13.23 6.87 -16.47
N GLY B 86 -12.24 6.60 -17.31
CA GLY B 86 -12.21 7.18 -18.64
C GLY B 86 -11.04 8.11 -18.87
N ARG B 87 -10.30 7.88 -19.94
CA ARG B 87 -9.17 8.72 -20.29
C ARG B 87 -9.55 10.20 -20.30
N GLU B 88 -10.66 10.54 -20.95
CA GLU B 88 -10.99 11.96 -21.03
C GLU B 88 -11.42 12.51 -19.68
N LYS B 89 -12.10 11.72 -18.85
CA LYS B 89 -12.40 12.17 -17.49
C LYS B 89 -11.12 12.31 -16.65
N LEU B 90 -10.14 11.43 -16.87
CA LEU B 90 -8.86 11.58 -16.19
C LEU B 90 -8.19 12.89 -16.61
N GLY B 91 -8.30 13.25 -17.88
CA GLY B 91 -7.74 14.52 -18.32
C GLY B 91 -8.41 15.71 -17.67
N GLU B 92 -9.74 15.65 -17.53
CA GLU B 92 -10.46 16.73 -16.86
C GLU B 92 -10.04 16.83 -15.40
N HIS B 93 -9.86 15.68 -14.75
CA HIS B 93 -9.46 15.70 -13.35
C HIS B 93 -8.08 16.31 -13.18
N ALA B 94 -7.20 16.19 -14.18
CA ALA B 94 -5.84 16.72 -14.03
C ALA B 94 -5.89 18.22 -13.76
N VAL B 95 -6.92 18.91 -14.27
CA VAL B 95 -7.05 20.34 -14.00
C VAL B 95 -7.20 20.57 -12.50
N TRP B 96 -8.09 19.81 -11.87
CA TRP B 96 -8.27 19.95 -10.44
C TRP B 96 -7.01 19.55 -9.68
N SER B 97 -6.35 18.50 -10.14
CA SER B 97 -5.14 18.00 -9.48
C SER B 97 -4.05 19.06 -9.45
N LEU B 98 -3.88 19.78 -10.56
CA LEU B 98 -2.86 20.81 -10.64
C LEU B 98 -3.22 22.03 -9.78
N GLN B 99 -4.52 22.27 -9.60
CA GLN B 99 -4.94 23.35 -8.71
C GLN B 99 -4.71 22.98 -7.25
N CYS B 100 -5.04 21.76 -6.86
CA CYS B 100 -5.06 21.35 -5.46
CA CYS B 100 -5.03 21.44 -5.44
C CYS B 100 -3.71 20.85 -4.97
N PHE B 101 -2.89 20.32 -5.87
CA PHE B 101 -1.55 19.84 -5.55
C PHE B 101 -0.60 20.52 -6.53
N PRO B 102 -0.38 21.82 -6.40
CA PRO B 102 0.25 22.57 -7.51
C PRO B 102 1.69 22.19 -7.81
N ASP B 103 2.47 21.78 -6.80
CA ASP B 103 3.89 21.51 -6.99
C ASP B 103 4.23 20.04 -6.74
N TRP B 104 3.24 19.17 -6.87
CA TRP B 104 3.41 17.79 -6.43
C TRP B 104 4.54 17.09 -7.14
N VAL B 105 5.35 16.36 -6.38
CA VAL B 105 6.38 15.52 -6.97
C VAL B 105 6.38 14.17 -6.28
N TRP B 106 6.61 13.13 -7.08
CA TRP B 106 6.94 11.81 -6.58
C TRP B 106 8.46 11.68 -6.50
N THR B 107 8.95 11.13 -5.40
CA THR B 107 10.38 10.93 -5.25
C THR B 107 10.62 9.55 -4.64
N ASP B 108 11.90 9.20 -4.53
CA ASP B 108 12.31 7.89 -4.02
C ASP B 108 11.52 6.79 -4.71
N ILE B 109 11.47 6.88 -6.03
CA ILE B 109 10.63 6.03 -6.86
C ILE B 109 11.31 4.68 -7.03
N GLN B 110 10.64 3.63 -6.57
CA GLN B 110 11.12 2.26 -6.73
C GLN B 110 10.10 1.51 -7.57
N ILE B 111 10.50 1.10 -8.76
CA ILE B 111 9.60 0.45 -9.70
C ILE B 111 9.80 -1.05 -9.61
N PHE B 112 8.69 -1.77 -9.43
CA PHE B 112 8.71 -3.23 -9.36
C PHE B 112 7.99 -3.81 -10.55
N GLU B 113 8.75 -4.46 -11.43
CA GLU B 113 8.16 -5.38 -12.39
C GLU B 113 7.62 -6.57 -11.63
N THR B 114 6.73 -7.34 -12.26
CA THR B 114 6.23 -8.56 -11.67
C THR B 114 6.22 -9.66 -12.71
N GLN B 115 5.78 -10.85 -12.31
CA GLN B 115 5.67 -11.96 -13.23
C GLN B 115 4.62 -11.69 -14.31
N ASP B 116 3.71 -10.75 -14.06
CA ASP B 116 2.74 -10.33 -15.06
C ASP B 116 3.35 -9.16 -15.80
N PRO B 117 3.68 -9.29 -17.08
CA PRO B 117 4.33 -8.17 -17.78
C PRO B 117 3.47 -6.92 -17.80
N ASN B 118 2.18 -7.06 -17.55
CA ASN B 118 1.24 -5.95 -17.58
C ASN B 118 0.83 -5.50 -16.18
N TRP B 119 1.59 -5.87 -15.15
CA TRP B 119 1.28 -5.41 -13.81
C TRP B 119 2.56 -4.96 -13.14
N PHE B 120 2.58 -3.71 -12.71
CA PHE B 120 3.69 -3.08 -12.02
C PHE B 120 3.21 -2.53 -10.69
N TRP B 121 4.13 -2.50 -9.72
CA TRP B 121 3.96 -1.78 -8.47
C TRP B 121 5.06 -0.76 -8.36
N VAL B 122 4.75 0.36 -7.72
CA VAL B 122 5.74 1.41 -7.44
C VAL B 122 5.62 1.74 -5.97
N GLU B 123 6.75 1.78 -5.28
CA GLU B 123 6.82 2.35 -3.95
C GLU B 123 7.51 3.69 -4.06
N CYS B 124 6.94 4.72 -3.45
CA CYS B 124 7.55 6.03 -3.55
C CYS B 124 7.05 6.93 -2.43
N ARG B 125 7.64 8.12 -2.38
CA ARG B 125 7.12 9.22 -1.59
C ARG B 125 6.46 10.22 -2.53
N GLY B 126 5.59 11.03 -1.96
CA GLY B 126 5.04 12.15 -2.69
C GLY B 126 4.89 13.32 -1.77
N GLU B 127 5.11 14.53 -2.25
CA GLU B 127 4.92 15.68 -1.39
C GLU B 127 4.63 16.93 -2.21
N GLY B 128 4.01 17.88 -1.53
CA GLY B 128 3.81 19.19 -2.09
C GLY B 128 2.76 19.91 -1.29
N ALA B 129 2.49 21.15 -1.72
CA ALA B 129 1.42 21.90 -1.13
C ALA B 129 0.09 21.20 -1.37
N ILE B 130 -0.82 21.33 -0.40
CA ILE B 130 -2.18 20.84 -0.55
C ILE B 130 -3.11 22.05 -0.40
N VAL B 131 -3.92 22.27 -1.43
CA VAL B 131 -4.81 23.42 -1.53
C VAL B 131 -6.20 22.85 -1.76
N PHE B 132 -6.79 22.27 -0.72
N PHE B 132 -6.75 22.25 -0.71
CA PHE B 132 -8.05 21.53 -0.74
CA PHE B 132 -8.06 21.63 -0.82
C PHE B 132 -9.22 22.46 -0.43
C PHE B 132 -9.15 22.64 -0.56
N PRO B 133 -10.25 22.51 -1.28
CA PRO B 133 -11.39 23.39 -1.02
C PRO B 133 -11.90 23.21 0.40
N GLY B 134 -12.01 24.31 1.12
CA GLY B 134 -12.59 24.30 2.44
C GLY B 134 -11.62 24.01 3.56
N TYR B 135 -10.34 23.86 3.25
CA TYR B 135 -9.32 23.60 4.26
C TYR B 135 -8.18 24.60 4.08
N PRO B 136 -7.48 24.91 5.17
CA PRO B 136 -6.34 25.82 5.06
C PRO B 136 -5.29 25.21 4.15
N ARG B 137 -4.63 26.07 3.38
CA ARG B 137 -3.49 25.64 2.60
C ARG B 137 -2.48 24.97 3.52
N GLY B 138 -1.93 23.86 3.07
CA GLY B 138 -1.00 23.12 3.89
C GLY B 138 0.10 22.50 3.08
N GLN B 139 0.91 21.68 3.73
CA GLN B 139 1.94 20.89 3.09
C GLN B 139 1.65 19.43 3.39
N TYR B 140 1.70 18.61 2.35
CA TYR B 140 1.30 17.22 2.42
C TYR B 140 2.45 16.37 1.95
N ARG B 141 2.82 15.37 2.74
CA ARG B 141 3.82 14.38 2.40
C ARG B 141 3.25 13.03 2.75
N ASN B 142 3.46 12.05 1.88
CA ASN B 142 2.97 10.73 2.22
C ASN B 142 3.84 9.67 1.57
N HIS B 143 3.65 8.46 2.04
N HIS B 143 3.55 8.43 1.95
CA HIS B 143 4.25 7.29 1.45
CA HIS B 143 4.23 7.22 1.50
C HIS B 143 3.20 6.62 0.59
C HIS B 143 3.25 6.43 0.66
N PHE B 144 3.58 6.23 -0.62
CA PHE B 144 2.64 5.70 -1.59
C PHE B 144 3.07 4.36 -2.16
N LEU B 145 2.07 3.52 -2.40
CA LEU B 145 2.20 2.38 -3.29
C LEU B 145 1.27 2.61 -4.45
N HIS B 146 1.77 2.44 -5.66
CA HIS B 146 0.96 2.54 -6.86
C HIS B 146 0.89 1.19 -7.53
N SER B 147 -0.29 0.83 -8.02
CA SER B 147 -0.49 -0.35 -8.84
C SER B 147 -0.81 0.12 -10.25
N PHE B 148 -0.06 -0.41 -11.23
CA PHE B 148 -0.32 -0.11 -12.64
C PHE B 148 -0.61 -1.41 -13.39
N ARG B 149 -1.79 -1.50 -13.98
CA ARG B 149 -2.13 -2.62 -14.85
C ARG B 149 -2.30 -2.09 -16.26
N PHE B 150 -1.74 -2.81 -17.23
CA PHE B 150 -1.64 -2.37 -18.61
C PHE B 150 -2.49 -3.25 -19.52
N GLU B 151 -2.96 -2.64 -20.60
CA GLU B 151 -3.66 -3.29 -21.68
C GLU B 151 -3.24 -2.58 -22.95
N ASN B 152 -2.75 -3.34 -23.92
CA ASN B 152 -2.35 -2.77 -25.20
C ASN B 152 -1.33 -1.66 -25.04
N GLY B 153 -0.44 -1.80 -24.07
CA GLY B 153 0.64 -0.85 -23.91
C GLY B 153 0.26 0.49 -23.32
N LEU B 154 -0.95 0.60 -22.79
CA LEU B 154 -1.39 1.79 -22.08
C LEU B 154 -1.93 1.36 -20.73
N ILE B 155 -2.07 2.33 -19.82
CA ILE B 155 -2.53 2.03 -18.48
C ILE B 155 -4.03 1.79 -18.52
N LYS B 156 -4.45 0.60 -18.10
CA LYS B 156 -5.84 0.27 -17.92
C LYS B 156 -6.33 0.59 -16.52
N GLU B 157 -5.49 0.42 -15.51
CA GLU B 157 -5.90 0.70 -14.14
C GLU B 157 -4.71 1.17 -13.34
N GLN B 158 -4.82 2.36 -12.78
CA GLN B 158 -3.85 2.90 -11.85
C GLN B 158 -4.53 3.06 -10.50
N ARG B 159 -3.91 2.55 -9.44
CA ARG B 159 -4.47 2.67 -8.12
C ARG B 159 -3.38 3.17 -7.20
N GLU B 160 -3.68 4.18 -6.38
CA GLU B 160 -2.71 4.61 -5.38
C GLU B 160 -3.20 4.28 -3.98
N PHE B 161 -2.26 3.84 -3.15
CA PHE B 161 -2.48 3.48 -1.77
C PHE B 161 -1.56 4.30 -0.90
N MET B 162 -2.12 4.97 0.09
CA MET B 162 -1.32 5.75 1.02
C MET B 162 -1.99 5.62 2.39
N ASN B 163 -1.42 6.34 3.35
CA ASN B 163 -2.02 6.40 4.68
C ASN B 163 -2.87 7.64 4.76
N PRO B 164 -4.20 7.54 4.73
CA PRO B 164 -5.02 8.77 4.74
C PRO B 164 -4.79 9.62 5.98
N CYS B 165 -4.28 9.05 7.07
CA CYS B 165 -4.08 9.87 8.27
C CYS B 165 -3.09 10.99 8.02
N GLU B 166 -2.10 10.77 7.14
CA GLU B 166 -1.17 11.85 6.83
C GLU B 166 -1.85 12.94 6.03
N GLN B 167 -2.79 12.59 5.17
CA GLN B 167 -3.55 13.64 4.49
C GLN B 167 -4.46 14.37 5.47
N PHE B 168 -5.11 13.65 6.37
CA PHE B 168 -5.88 14.33 7.41
C PHE B 168 -5.03 15.37 8.12
N ARG B 169 -3.84 14.97 8.57
CA ARG B 169 -2.98 15.89 9.28
C ARG B 169 -2.65 17.11 8.43
N SER B 170 -2.39 16.92 7.13
CA SER B 170 -2.03 18.04 6.28
C SER B 170 -3.18 19.04 6.16
N LEU B 171 -4.41 18.57 6.32
CA LEU B 171 -5.60 19.39 6.21
C LEU B 171 -6.07 19.92 7.57
N GLY B 172 -5.37 19.60 8.65
CA GLY B 172 -5.78 20.05 9.96
C GLY B 172 -6.90 19.25 10.56
N ILE B 173 -7.19 18.08 10.00
CA ILE B 173 -8.24 17.20 10.48
C ILE B 173 -7.69 16.36 11.63
N GLU B 174 -8.41 16.32 12.74
CA GLU B 174 -7.96 15.55 13.89
C GLU B 174 -7.96 14.07 13.56
N VAL B 175 -6.92 13.38 14.00
CA VAL B 175 -6.78 11.95 13.75
C VAL B 175 -6.90 11.23 15.10
N PRO B 176 -7.85 10.31 15.25
CA PRO B 176 -7.95 9.58 16.52
C PRO B 176 -6.78 8.63 16.71
N GLU B 177 -6.51 8.34 17.99
CA GLU B 177 -5.40 7.49 18.39
C GLU B 177 -5.94 6.14 18.83
N VAL B 178 -5.54 5.09 18.12
CA VAL B 178 -5.90 3.72 18.49
C VAL B 178 -5.01 3.30 19.65
N ARG B 179 -5.63 2.88 20.75
CA ARG B 179 -4.90 2.35 21.89
C ARG B 179 -4.72 0.85 21.70
N ARG B 180 -3.47 0.39 21.66
CA ARG B 180 -3.14 -1.02 21.58
C ARG B 180 -2.57 -1.41 22.95
N ASP B 181 -3.47 -1.53 23.92
CA ASP B 181 -3.07 -1.81 25.29
C ASP B 181 -2.39 -3.17 25.35
N GLY B 182 -1.18 -3.19 25.90
CA GLY B 182 -0.43 -4.41 26.01
C GLY B 182 0.42 -4.76 24.82
N LEU B 183 0.41 -3.94 23.78
CA LEU B 183 1.28 -4.17 22.63
C LEU B 183 2.72 -4.30 23.10
N PRO B 184 3.36 -5.45 22.89
CA PRO B 184 4.73 -5.62 23.39
C PRO B 184 5.67 -4.60 22.78
N SER B 185 6.67 -4.20 23.56
CA SER B 185 7.68 -3.27 23.09
C SER B 185 9.05 -3.94 23.00
C1 GOL C . -3.40 -9.52 12.23
O1 GOL C . -2.39 -10.46 11.98
C2 GOL C . -2.77 -8.13 11.98
O2 GOL C . -1.57 -8.27 11.29
C3 GOL C . -3.83 -7.36 11.20
O3 GOL C . -3.13 -6.48 10.35
H11 GOL C . -3.73 -9.55 13.15
H12 GOL C . -4.18 -9.63 11.66
HO1 GOL C . -2.02 -10.64 12.74
H2 GOL C . -2.56 -7.66 12.81
HO2 GOL C . -1.28 -7.49 11.13
H31 GOL C . -4.41 -6.90 11.82
H32 GOL C . -4.39 -7.99 10.72
HO3 GOL C . -2.93 -6.92 9.66
C1 GOL D . -11.56 -4.75 3.13
O1 GOL D . -12.39 -5.48 2.25
C2 GOL D . -12.18 -3.34 3.26
O2 GOL D . -12.74 -3.10 4.52
C3 GOL D . -11.02 -2.38 2.94
O3 GOL D . -11.56 -1.21 2.38
H11 GOL D . -10.65 -4.66 2.81
H12 GOL D . -11.49 -5.15 4.00
HO1 GOL D . -12.03 -6.26 2.15
H2 GOL D . -12.92 -3.23 2.64
HO2 GOL D . -12.11 -2.96 5.08
H31 GOL D . -10.40 -2.84 2.34
H32 GOL D . -10.50 -2.23 3.74
HO3 GOL D . -12.03 -0.82 2.98
C1 GOL E . 9.36 -11.62 -12.11
O1 GOL E . 9.43 -13.04 -12.04
C2 GOL E . 10.41 -11.15 -13.11
O2 GOL E . 10.25 -11.73 -14.37
C3 GOL E . 10.24 -9.61 -13.18
O3 GOL E . 11.22 -9.11 -14.08
H11 GOL E . 9.53 -11.19 -11.25
H12 GOL E . 8.49 -11.31 -12.39
HO1 GOL E . 9.36 -13.25 -11.20
H2 GOL E . 11.29 -11.41 -12.81
HO2 GOL E . 9.50 -11.43 -14.70
H31 GOL E . 10.33 -9.26 -12.28
H32 GOL E . 9.34 -9.42 -13.45
HO3 GOL E . 11.86 -8.82 -13.58
C ACT F . -2.24 -3.60 14.29
O ACT F . -0.99 -3.72 14.44
OXT ACT F . -3.04 -2.86 14.90
CH3 ACT F . -2.86 -4.51 13.26
H1 ACT F . -3.82 -4.34 13.23
H2 ACT F . -2.47 -4.33 12.40
H3 ACT F . -2.71 -5.43 13.51
C1 GOL G . -1.15 14.01 -5.93
O1 GOL G . -1.35 14.37 -7.27
C2 GOL G . -2.14 12.88 -5.62
O2 GOL G . -2.04 11.82 -6.50
C3 GOL G . -1.83 12.48 -4.17
O3 GOL G . -2.72 11.45 -3.80
H11 GOL G . -1.29 14.75 -5.33
H12 GOL G . -0.25 13.70 -5.76
HO1 GOL G . -0.92 13.81 -7.75
H2 GOL G . -3.05 13.20 -5.69
HO2 GOL G . -2.81 11.52 -6.63
H31 GOL G . -1.90 13.27 -3.60
H32 GOL G . -0.90 12.22 -4.12
HO3 GOL G . -2.86 10.97 -4.50
C1 A1IAH H . -8.82 9.95 -8.05
C2 A1IAH H . -9.48 10.74 -6.94
C3 A1IAH H . -10.58 11.65 -7.48
C4 A1IAH H . -8.47 11.56 -6.15
C5 A1IAH H . -7.27 11.96 -6.73
C6 A1IAH H . -6.36 12.72 -6.02
C7 A1IAH H . -6.63 13.07 -4.71
C8 A1IAH H . -7.82 12.69 -4.11
C9 A1IAH H . -8.09 13.09 -2.69
C10 A1IAH H . -9.41 12.90 -2.07
C11 A1IAH H . -10.72 13.23 -2.53
C12 A1IAH H . -11.20 13.79 -3.80
C13 A1IAH H . -12.46 13.43 -4.29
C14 A1IAH H . -12.93 13.94 -5.48
C15 A1IAH H . -12.16 14.82 -6.21
C16 A1IAH H . -10.90 15.20 -5.73
C17 A1IAH H . -10.43 14.69 -4.54
C18 A1IAH H . -10.74 12.22 -0.24
C19 A1IAH H . -11.02 11.67 1.01
C20 A1IAH H . -9.94 11.19 1.76
C21 A1IAH H . -8.64 11.25 1.28
C22 A1IAH H . -8.37 11.80 0.04
C23 A1IAH H . -9.44 12.29 -0.72
C24 A1IAH H . -8.72 11.93 -4.84
O1 A1IAH H . -7.18 13.59 -2.02
O2 A1IAH H . -12.60 15.34 -7.39
O3 A1IAH H . -10.19 10.66 3.00
S1 A1IAH H . -11.91 12.86 -1.35
H1 A1IAH H . -9.43 9.27 -8.37
H2 A1IAH H . -8.01 9.53 -7.71
H3 A1IAH H . -8.59 10.55 -8.78
H4 A1IAH H . -9.90 10.08 -6.33
H7 A1IAH H . -10.21 12.27 -8.13
H6 A1IAH H . -10.97 12.16 -6.74
H5 A1IAH H . -11.27 11.12 -7.90
H8 A1IAH H . -7.09 11.73 -7.63
H9 A1IAH H . -5.56 12.98 -6.42
H10 A1IAH H . -6.01 13.58 -4.23
H11 A1IAH H . -13.00 12.83 -3.79
H12 A1IAH H . -13.78 13.69 -5.80
H14 A1IAH H . -10.38 15.80 -6.23
H15 A1IAH H . -9.58 14.94 -4.22
H16 A1IAH H . -11.90 11.63 1.34
H18 A1IAH H . -7.94 10.93 1.81
H19 A1IAH H . -7.48 11.84 -0.29
H20 A1IAH H . -9.54 11.65 -4.44
H13 A1IAH H . -13.13 16.00 -7.23
H17 A1IAH H . -10.57 11.26 3.49
#